data_5ZCC
#
_entry.id   5ZCC
#
_cell.length_a   55.046
_cell.length_b   84.840
_cell.length_c   128.767
_cell.angle_alpha   90.00
_cell.angle_beta   90.00
_cell.angle_gamma   90.00
#
_symmetry.space_group_name_H-M   'P 21 21 21'
#
loop_
_entity.id
_entity.type
_entity.pdbx_description
1 polymer Alpha-glucosidase
2 branched alpha-D-glucopyranose-(1-4)-alpha-D-glucopyranose
3 non-polymer 'CALCIUM ION'
4 water water
#
_entity_poly.entity_id   1
_entity_poly.type   'polypeptide(L)'
_entity_poly.pdbx_seq_one_letter_code
;MEKKWWKEAVAYQIYPRSFMDSNGDGIGDIQGVISKLDYLSDLGIDVIWICPIYQSPNDDNGYDISDYKDIMKDFGTMED
FDELLDEVHHRGMKLIMDLVINHTSDEHPWFLESRSAKENPYRDYYIWHEGKDGKEPNNWESIFSGSAWEFDEKTKEYYM
HVFSKKQPDLNWENEKVRHELYEMVNWWLDKGIDGFRVDAISHIKKVAGFPDLPNPEKLDYVPSFEGHMNRPGIQEHLKE
LKEKTFAKYDIMTVGQANGVTSDSADEWVAEDGGNFNMIFQFEHMGLWDKGEEKPLDLIELKTILTNWQNGLEKINGWNA
LYLENHDQIRSVNKFGSTAYRVESAKCLAALYFLMKGTPFIYQGQELGMTNVKFDSIDDYDDVGMINYYRIQREKGDSHD
EIMKVIWETGRDNSRTPMQWNTEKNAGFSTGNPWMKVNPNYVDINVEEQKSDKNSVLNFYKQLIKIRKQHDVLVYGTYKL
LAEEDSAIYAYTRTLEGKTAVVICNMSPNNQTFEFPSESSFTNIEVLIHNYPLDKNETLEQCTLHPYETRVYLIS
;
_entity_poly.pdbx_strand_id   A
#
# COMPACT_ATOMS: atom_id res chain seq x y z
N LYS A 4 0.87 20.87 4.50
CA LYS A 4 -0.05 20.78 5.63
C LYS A 4 -1.45 20.35 5.22
N TRP A 5 -1.88 20.71 4.01
CA TRP A 5 -3.12 20.16 3.52
C TRP A 5 -2.96 18.63 3.48
N TRP A 6 -1.76 18.15 3.20
CA TRP A 6 -1.56 16.70 3.11
C TRP A 6 -1.51 16.08 4.49
N LYS A 7 -1.24 16.90 5.52
CA LYS A 7 -1.27 16.37 6.88
C LYS A 7 -2.69 16.08 7.33
N GLU A 8 -3.62 16.93 6.89
CA GLU A 8 -5.02 16.86 7.29
C GLU A 8 -5.84 15.96 6.38
N ALA A 9 -5.25 15.54 5.28
CA ALA A 9 -5.94 14.73 4.27
C ALA A 9 -6.20 13.31 4.74
N VAL A 10 -7.29 12.74 4.23
CA VAL A 10 -7.50 11.29 4.24
C VAL A 10 -7.39 10.83 2.81
N ALA A 11 -6.60 9.78 2.58
CA ALA A 11 -6.37 9.28 1.23
C ALA A 11 -7.04 7.94 1.00
N TYR A 12 -7.43 7.71 -0.25
CA TYR A 12 -8.07 6.47 -0.69
C TYR A 12 -7.25 5.92 -1.83
N GLN A 13 -6.90 4.64 -1.73
CA GLN A 13 -6.10 3.99 -2.77
C GLN A 13 -6.98 3.16 -3.69
N ILE A 14 -6.92 3.46 -4.98
CA ILE A 14 -7.65 2.72 -6.01
C ILE A 14 -6.72 1.77 -6.77
N TYR A 15 -7.17 0.53 -6.89
CA TYR A 15 -6.55 -0.46 -7.77
C TYR A 15 -7.43 -0.53 -9.01
N PRO A 16 -7.10 0.25 -10.05
CA PRO A 16 -8.10 0.50 -11.11
C PRO A 16 -8.53 -0.77 -11.85
N ARG A 17 -7.68 -1.78 -11.91
CA ARG A 17 -8.08 -2.99 -12.62
C ARG A 17 -9.30 -3.65 -11.97
N SER A 18 -9.49 -3.40 -10.68
CA SER A 18 -10.56 -4.04 -9.92
C SER A 18 -11.55 -3.09 -9.26
N PHE A 19 -11.54 -1.82 -9.67
CA PHE A 19 -12.45 -0.86 -9.03
C PHE A 19 -13.82 -0.83 -9.73
N MET A 20 -13.87 -0.43 -11.00
CA MET A 20 -15.14 -0.45 -11.72
C MET A 20 -14.96 -0.63 -13.21
N ASP A 21 -15.58 -1.67 -13.77
CA ASP A 21 -15.57 -1.91 -15.21
C ASP A 21 -16.79 -1.23 -15.85
N SER A 22 -16.54 -0.26 -16.75
CA SER A 22 -17.62 0.50 -17.34
C SER A 22 -18.06 -0.02 -18.70
N ASN A 23 -17.37 -1.00 -19.27
CA ASN A 23 -17.69 -1.40 -20.63
C ASN A 23 -17.66 -2.90 -20.90
N GLY A 24 -17.78 -3.71 -19.85
CA GLY A 24 -18.14 -5.11 -19.99
C GLY A 24 -17.08 -6.11 -20.40
N ASP A 25 -15.80 -5.73 -20.34
CA ASP A 25 -14.74 -6.68 -20.68
C ASP A 25 -14.12 -7.33 -19.45
N GLY A 26 -14.67 -7.04 -18.27
CA GLY A 26 -14.20 -7.67 -17.05
C GLY A 26 -12.99 -7.00 -16.43
N ILE A 27 -12.54 -5.91 -17.06
CA ILE A 27 -11.39 -5.17 -16.57
C ILE A 27 -11.78 -3.75 -16.13
N GLY A 28 -11.37 -3.36 -14.92
CA GLY A 28 -11.66 -2.01 -14.46
C GLY A 28 -11.06 -0.97 -15.38
N ASP A 29 -11.63 0.23 -15.39
CA ASP A 29 -11.13 1.28 -16.28
C ASP A 29 -11.40 2.67 -15.70
N ILE A 30 -10.89 3.70 -16.36
CA ILE A 30 -10.93 5.06 -15.86
C ILE A 30 -12.35 5.62 -15.83
N GLN A 31 -13.13 5.37 -16.89
CA GLN A 31 -14.53 5.79 -16.86
C GLN A 31 -15.28 5.10 -15.72
N GLY A 32 -14.88 3.88 -15.39
CA GLY A 32 -15.39 3.21 -14.20
C GLY A 32 -15.12 4.01 -12.94
N VAL A 33 -13.88 4.45 -12.75
CA VAL A 33 -13.53 5.30 -11.62
C VAL A 33 -14.38 6.57 -11.59
N ILE A 34 -14.47 7.24 -12.74
CA ILE A 34 -15.24 8.48 -12.86
C ILE A 34 -16.69 8.26 -12.39
N SER A 35 -17.25 7.13 -12.77
CA SER A 35 -18.64 6.82 -12.46
C SER A 35 -18.88 6.63 -10.96
N LYS A 36 -17.82 6.42 -10.19
CA LYS A 36 -17.98 6.21 -8.74
C LYS A 36 -17.36 7.33 -7.91
N LEU A 37 -17.08 8.48 -8.52
CA LEU A 37 -16.49 9.57 -7.75
C LEU A 37 -17.45 10.11 -6.67
N ASP A 38 -18.76 10.00 -6.90
CA ASP A 38 -19.75 10.38 -5.89
C ASP A 38 -19.52 9.60 -4.60
N TYR A 39 -19.27 8.31 -4.74
CA TYR A 39 -19.01 7.44 -3.59
C TYR A 39 -17.85 7.97 -2.76
N LEU A 40 -16.75 8.30 -3.44
CA LEU A 40 -15.54 8.72 -2.74
C LEU A 40 -15.71 10.11 -2.13
N SER A 41 -16.36 11.01 -2.86
CA SER A 41 -16.61 12.34 -2.31
C SER A 41 -17.49 12.24 -1.06
N ASP A 42 -18.55 11.44 -1.15
CA ASP A 42 -19.47 11.28 -0.03
C ASP A 42 -18.80 10.61 1.18
N LEU A 43 -17.85 9.71 0.92
CA LEU A 43 -17.09 9.08 1.99
C LEU A 43 -16.32 10.12 2.78
N GLY A 44 -15.87 11.18 2.09
CA GLY A 44 -15.13 12.25 2.73
C GLY A 44 -13.64 12.24 2.41
N ILE A 45 -13.26 11.42 1.42
CA ILE A 45 -11.89 11.31 0.93
C ILE A 45 -11.33 12.65 0.42
N ASP A 46 -10.07 12.96 0.74
CA ASP A 46 -9.46 14.20 0.27
C ASP A 46 -8.52 13.99 -0.91
N VAL A 47 -7.84 12.84 -0.90
CA VAL A 47 -6.79 12.55 -1.87
C VAL A 47 -6.98 11.15 -2.39
N ILE A 48 -6.97 11.00 -3.71
CA ILE A 48 -7.04 9.69 -4.34
C ILE A 48 -5.67 9.29 -4.87
N TRP A 49 -5.16 8.15 -4.44
CA TRP A 49 -3.95 7.59 -5.05
C TRP A 49 -4.43 6.50 -5.98
N ILE A 50 -4.15 6.66 -7.26
CA ILE A 50 -4.50 5.59 -8.19
C ILE A 50 -3.24 4.82 -8.58
N CYS A 51 -3.35 3.50 -8.52
CA CYS A 51 -2.27 2.62 -8.97
C CYS A 51 -1.99 2.84 -10.46
N PRO A 52 -0.89 2.27 -10.98
CA PRO A 52 -0.44 2.67 -12.32
C PRO A 52 -1.47 2.49 -13.43
N ILE A 53 -1.58 3.49 -14.29
CA ILE A 53 -2.56 3.48 -15.38
C ILE A 53 -1.89 3.71 -16.71
N TYR A 54 -0.58 3.47 -16.75
CA TYR A 54 0.21 3.74 -17.95
C TYR A 54 0.26 2.53 -18.87
N GLN A 55 0.66 2.76 -20.12
CA GLN A 55 0.85 1.66 -21.06
C GLN A 55 1.73 0.58 -20.42
N SER A 56 1.26 -0.66 -20.49
CA SER A 56 1.89 -1.78 -19.79
C SER A 56 1.42 -3.11 -20.37
N PRO A 57 2.37 -4.05 -20.58
CA PRO A 57 1.97 -5.43 -20.92
C PRO A 57 1.24 -6.16 -19.80
N ASN A 58 1.26 -5.58 -18.60
CA ASN A 58 0.61 -6.13 -17.41
C ASN A 58 1.17 -7.48 -16.93
N ASP A 59 2.46 -7.70 -17.16
CA ASP A 59 3.12 -8.82 -16.49
C ASP A 59 3.06 -8.62 -14.98
N ASP A 60 3.02 -7.36 -14.55
CA ASP A 60 2.84 -7.03 -13.12
C ASP A 60 1.76 -5.96 -12.99
N ASN A 61 0.66 -6.15 -13.70
CA ASN A 61 -0.53 -5.28 -13.64
C ASN A 61 -0.20 -3.79 -13.46
N GLY A 62 0.51 -3.24 -14.43
CA GLY A 62 0.73 -1.80 -14.45
C GLY A 62 2.10 -1.38 -13.93
N TYR A 63 2.74 -2.20 -13.13
CA TYR A 63 4.03 -1.82 -12.59
C TYR A 63 5.17 -2.19 -13.55
N ASP A 64 4.81 -2.72 -14.72
CA ASP A 64 5.76 -2.88 -15.84
C ASP A 64 5.35 -1.94 -16.98
N ILE A 65 5.99 -0.77 -17.03
CA ILE A 65 5.53 0.33 -17.88
C ILE A 65 6.33 0.41 -19.18
N SER A 66 5.61 0.46 -20.32
CA SER A 66 6.29 0.59 -21.61
C SER A 66 6.17 1.99 -22.22
N ASP A 67 5.33 2.85 -21.63
CA ASP A 67 5.27 4.25 -22.02
C ASP A 67 4.77 5.08 -20.85
N TYR A 68 5.64 5.89 -20.27
CA TYR A 68 5.31 6.70 -19.10
C TYR A 68 4.31 7.81 -19.41
N LYS A 69 4.13 8.13 -20.69
CA LYS A 69 3.32 9.29 -21.07
C LYS A 69 2.06 8.90 -21.84
N ASP A 70 1.72 7.63 -21.80
CA ASP A 70 0.55 7.09 -22.48
C ASP A 70 -0.27 6.22 -21.52
N ILE A 71 -1.59 6.29 -21.65
CA ILE A 71 -2.51 5.54 -20.79
C ILE A 71 -2.66 4.10 -21.24
N MET A 72 -2.77 3.20 -20.26
CA MET A 72 -2.96 1.78 -20.52
C MET A 72 -4.22 1.57 -21.36
N LYS A 73 -4.10 0.84 -22.47
CA LYS A 73 -5.22 0.62 -23.37
C LYS A 73 -6.48 0.08 -22.65
N ASP A 74 -6.28 -0.88 -21.74
CA ASP A 74 -7.36 -1.44 -20.92
C ASP A 74 -8.17 -0.36 -20.22
N PHE A 75 -7.48 0.69 -19.79
CA PHE A 75 -8.07 1.66 -18.87
C PHE A 75 -8.69 2.85 -19.59
N GLY A 76 -8.25 3.09 -20.83
CA GLY A 76 -8.80 4.19 -21.61
C GLY A 76 -7.73 5.01 -22.32
N THR A 77 -8.00 6.29 -22.51
CA THR A 77 -7.11 7.18 -23.23
C THR A 77 -6.66 8.34 -22.35
N MET A 78 -5.75 9.16 -22.87
CA MET A 78 -5.34 10.35 -22.14
C MET A 78 -6.56 11.27 -21.95
N GLU A 79 -7.47 11.27 -22.92
CA GLU A 79 -8.67 12.08 -22.77
C GLU A 79 -9.50 11.64 -21.56
N ASP A 80 -9.54 10.33 -21.33
CA ASP A 80 -10.23 9.78 -20.15
C ASP A 80 -9.51 10.21 -18.89
N PHE A 81 -8.18 10.15 -18.91
CA PHE A 81 -7.43 10.62 -17.75
C PHE A 81 -7.70 12.09 -17.48
N ASP A 82 -7.63 12.92 -18.52
CA ASP A 82 -7.85 14.34 -18.33
C ASP A 82 -9.24 14.60 -17.73
N GLU A 83 -10.24 13.84 -18.19
CA GLU A 83 -11.58 13.99 -17.65
C GLU A 83 -11.62 13.60 -16.18
N LEU A 84 -10.95 12.49 -15.84
CA LEU A 84 -10.86 12.02 -14.47
C LEU A 84 -10.26 13.08 -13.54
N LEU A 85 -9.13 13.65 -13.97
CA LEU A 85 -8.44 14.63 -13.14
C LEU A 85 -9.30 15.89 -12.96
N ASP A 86 -9.98 16.29 -14.03
CA ASP A 86 -10.89 17.45 -13.99
C ASP A 86 -12.10 17.21 -13.09
N GLU A 87 -12.66 16.00 -13.14
CA GLU A 87 -13.80 15.68 -12.27
C GLU A 87 -13.38 15.58 -10.81
N VAL A 88 -12.23 14.97 -10.57
CA VAL A 88 -11.70 14.86 -9.21
C VAL A 88 -11.51 16.25 -8.62
N HIS A 89 -10.84 17.10 -9.39
CA HIS A 89 -10.55 18.45 -8.93
C HIS A 89 -11.81 19.30 -8.73
N HIS A 90 -12.80 19.16 -9.61
CA HIS A 90 -14.05 19.93 -9.41
C HIS A 90 -14.88 19.42 -8.24
N ARG A 91 -14.59 18.21 -7.77
CA ARG A 91 -15.30 17.66 -6.60
C ARG A 91 -14.56 17.92 -5.31
N GLY A 92 -13.53 18.75 -5.38
CA GLY A 92 -12.80 19.12 -4.18
C GLY A 92 -11.87 18.03 -3.68
N MET A 93 -11.37 17.21 -4.59
CA MET A 93 -10.40 16.19 -4.20
C MET A 93 -9.13 16.37 -5.01
N LYS A 94 -8.07 15.73 -4.54
CA LYS A 94 -6.78 15.72 -5.20
C LYS A 94 -6.46 14.32 -5.70
N LEU A 95 -5.53 14.23 -6.66
CA LEU A 95 -5.13 12.93 -7.19
C LEU A 95 -3.61 12.79 -7.26
N ILE A 96 -3.09 11.72 -6.67
CA ILE A 96 -1.67 11.44 -6.83
C ILE A 96 -1.50 10.18 -7.64
N MET A 97 -0.46 10.18 -8.47
CA MET A 97 -0.20 9.08 -9.38
C MET A 97 0.87 8.15 -8.82
N ASP A 98 0.99 6.99 -9.43
CA ASP A 98 1.96 6.01 -8.97
C ASP A 98 3.19 6.15 -9.85
N LEU A 99 4.31 6.53 -9.24
CA LEU A 99 5.56 6.78 -9.98
C LEU A 99 6.50 5.60 -9.85
N VAL A 100 6.77 4.95 -10.99
CA VAL A 100 7.41 3.65 -11.02
C VAL A 100 8.71 3.78 -11.82
N ILE A 101 9.79 4.11 -11.13
CA ILE A 101 11.03 4.43 -11.84
C ILE A 101 12.26 3.65 -11.32
N ASN A 102 12.02 2.53 -10.63
CA ASN A 102 13.10 1.59 -10.37
C ASN A 102 13.36 0.71 -11.59
N HIS A 103 12.33 0.53 -12.41
CA HIS A 103 12.35 -0.43 -13.51
C HIS A 103 11.34 -0.02 -14.57
N THR A 104 11.52 -0.55 -15.79
CA THR A 104 10.49 -0.40 -16.81
C THR A 104 10.08 -1.77 -17.30
N SER A 105 9.09 -1.78 -18.18
CA SER A 105 8.79 -2.97 -18.97
C SER A 105 9.98 -3.32 -19.88
N ASP A 106 10.12 -4.61 -20.20
CA ASP A 106 11.11 -4.99 -21.21
C ASP A 106 10.59 -4.65 -22.61
N GLU A 107 9.38 -4.12 -22.69
CA GLU A 107 8.84 -3.66 -23.96
C GLU A 107 8.89 -2.12 -24.06
N HIS A 108 9.46 -1.48 -23.04
CA HIS A 108 9.78 -0.06 -23.12
C HIS A 108 10.79 0.17 -24.24
N PRO A 109 10.59 1.22 -25.05
CA PRO A 109 11.51 1.50 -26.16
C PRO A 109 12.97 1.63 -25.72
N TRP A 110 13.21 2.19 -24.53
CA TRP A 110 14.58 2.23 -24.00
C TRP A 110 15.17 0.82 -23.93
N PHE A 111 14.40 -0.15 -23.43
CA PHE A 111 14.95 -1.48 -23.25
C PHE A 111 15.07 -2.23 -24.57
N LEU A 112 14.11 -2.03 -25.46
CA LEU A 112 14.18 -2.64 -26.79
C LEU A 112 15.46 -2.22 -27.49
N GLU A 113 15.79 -0.94 -27.38
CA GLU A 113 17.07 -0.46 -27.91
C GLU A 113 18.24 -1.04 -27.11
N SER A 114 18.15 -0.95 -25.79
CA SER A 114 19.21 -1.40 -24.88
C SER A 114 19.65 -2.84 -25.14
N ARG A 115 18.70 -3.71 -25.44
CA ARG A 115 18.98 -5.14 -25.64
C ARG A 115 19.35 -5.46 -27.10
N SER A 116 19.26 -4.47 -27.99
CA SER A 116 19.34 -4.72 -29.42
C SER A 116 20.75 -5.04 -29.89
N ALA A 117 21.74 -4.59 -29.12
CA ALA A 117 23.14 -4.73 -29.48
C ALA A 117 23.99 -4.49 -28.25
N LYS A 118 25.13 -5.17 -28.17
CA LYS A 118 25.99 -5.05 -27.00
C LYS A 118 26.45 -3.63 -26.78
N GLU A 119 26.63 -2.89 -27.88
CA GLU A 119 26.97 -1.48 -27.79
C GLU A 119 25.87 -0.69 -28.47
N ASN A 120 25.18 0.14 -27.69
CA ASN A 120 24.24 1.09 -28.26
C ASN A 120 23.99 2.16 -27.20
N PRO A 121 23.43 3.33 -27.60
CA PRO A 121 23.32 4.46 -26.69
C PRO A 121 22.45 4.20 -25.47
N TYR A 122 21.64 3.15 -25.51
CA TYR A 122 20.74 2.87 -24.40
C TYR A 122 21.19 1.66 -23.59
N ARG A 123 22.33 1.07 -23.96
CA ARG A 123 22.79 -0.13 -23.26
C ARG A 123 22.89 0.10 -21.74
N ASP A 124 23.51 1.20 -21.35
CA ASP A 124 23.73 1.48 -19.93
C ASP A 124 22.55 2.18 -19.27
N TYR A 125 21.39 2.18 -19.92
CA TYR A 125 20.15 2.60 -19.26
C TYR A 125 19.68 1.53 -18.27
N TYR A 126 20.18 0.31 -18.46
CA TYR A 126 19.77 -0.81 -17.64
C TYR A 126 21.02 -1.46 -17.09
N ILE A 127 20.84 -2.59 -16.41
CA ILE A 127 21.94 -3.19 -15.68
C ILE A 127 22.31 -4.53 -16.31
N TRP A 128 23.40 -4.51 -17.09
CA TRP A 128 23.84 -5.67 -17.85
C TRP A 128 25.16 -6.19 -17.28
N HIS A 129 25.34 -7.51 -17.31
CA HIS A 129 26.61 -8.10 -16.91
C HIS A 129 26.82 -9.46 -17.55
N GLU A 130 28.05 -9.79 -17.92
CA GLU A 130 28.28 -11.14 -18.41
C GLU A 130 28.18 -12.13 -17.24
N GLY A 131 27.87 -13.37 -17.58
CA GLY A 131 27.75 -14.41 -16.59
C GLY A 131 29.06 -14.78 -15.91
N LYS A 132 28.94 -15.68 -14.94
CA LYS A 132 30.07 -16.19 -14.20
C LYS A 132 30.00 -17.71 -14.21
N ASP A 133 31.08 -18.36 -14.63
CA ASP A 133 31.14 -19.82 -14.63
C ASP A 133 29.98 -20.48 -15.37
N GLY A 134 29.61 -19.90 -16.50
CA GLY A 134 28.51 -20.45 -17.29
C GLY A 134 27.14 -20.31 -16.65
N LYS A 135 27.08 -19.51 -15.59
CA LYS A 135 25.82 -19.20 -14.91
C LYS A 135 25.60 -17.69 -14.82
N GLU A 136 24.63 -17.30 -14.01
CA GLU A 136 24.33 -15.88 -13.79
C GLU A 136 25.51 -15.10 -13.18
N PRO A 137 25.52 -13.76 -13.33
CA PRO A 137 26.60 -12.93 -12.78
C PRO A 137 26.78 -13.07 -11.27
N ASN A 138 25.69 -13.31 -10.55
CA ASN A 138 25.78 -13.58 -9.11
C ASN A 138 24.61 -14.44 -8.64
N ASN A 139 24.52 -14.71 -7.35
CA ASN A 139 23.51 -15.63 -6.84
C ASN A 139 22.21 -14.98 -6.38
N TRP A 140 21.98 -13.71 -6.74
CA TRP A 140 20.78 -13.01 -6.26
C TRP A 140 19.45 -13.58 -6.72
N GLU A 141 18.47 -13.65 -5.81
CA GLU A 141 17.10 -14.05 -6.13
C GLU A 141 16.22 -12.83 -6.41
N SER A 142 15.34 -12.95 -7.40
CA SER A 142 14.28 -11.96 -7.63
C SER A 142 13.28 -12.01 -6.48
N ILE A 143 12.69 -10.86 -6.17
CA ILE A 143 11.65 -10.79 -5.17
C ILE A 143 10.44 -11.65 -5.58
N PHE A 144 10.30 -11.87 -6.88
CA PHE A 144 9.25 -12.75 -7.39
C PHE A 144 9.75 -14.18 -7.66
N SER A 145 10.81 -14.57 -6.95
CA SER A 145 11.44 -15.91 -7.04
C SER A 145 12.22 -16.13 -8.34
N GLY A 146 13.07 -17.16 -8.35
CA GLY A 146 13.98 -17.39 -9.47
C GLY A 146 15.13 -16.40 -9.44
N SER A 147 15.99 -16.48 -10.46
CA SER A 147 17.15 -15.59 -10.56
C SER A 147 16.73 -14.14 -10.76
N ALA A 148 17.52 -13.22 -10.21
CA ALA A 148 17.39 -11.79 -10.48
C ALA A 148 18.08 -11.39 -11.79
N TRP A 149 18.56 -12.39 -12.55
CA TRP A 149 19.18 -12.12 -13.85
C TRP A 149 18.55 -12.96 -14.95
N GLU A 150 18.32 -12.32 -16.09
CA GLU A 150 17.78 -12.99 -17.25
C GLU A 150 18.77 -12.91 -18.41
N PHE A 151 19.05 -14.04 -19.02
CA PHE A 151 20.02 -14.07 -20.12
C PHE A 151 19.42 -13.52 -21.41
N ASP A 152 20.20 -12.71 -22.12
CA ASP A 152 19.82 -12.26 -23.47
C ASP A 152 20.68 -12.99 -24.50
N GLU A 153 20.06 -13.84 -25.31
CA GLU A 153 20.81 -14.66 -26.27
C GLU A 153 21.58 -13.83 -27.29
N LYS A 154 20.96 -12.74 -27.76
CA LYS A 154 21.56 -11.92 -28.81
C LYS A 154 22.89 -11.30 -28.40
N THR A 155 22.90 -10.64 -27.24
CA THR A 155 24.09 -9.90 -26.82
C THR A 155 24.94 -10.69 -25.82
N LYS A 156 24.48 -11.89 -25.50
CA LYS A 156 25.21 -12.83 -24.64
C LYS A 156 25.60 -12.26 -23.27
N GLU A 157 24.68 -11.52 -22.66
CA GLU A 157 24.87 -11.02 -21.30
C GLU A 157 23.53 -11.12 -20.56
N TYR A 158 23.58 -11.00 -19.24
CA TYR A 158 22.35 -11.02 -18.43
C TYR A 158 21.91 -9.60 -18.08
N TYR A 159 20.61 -9.38 -17.95
CA TYR A 159 20.13 -8.12 -17.38
C TYR A 159 19.48 -8.37 -16.04
N MET A 160 19.59 -7.38 -15.14
CA MET A 160 19.07 -7.54 -13.80
C MET A 160 17.59 -7.21 -13.74
N HIS A 161 16.84 -8.02 -12.99
CA HIS A 161 15.47 -7.69 -12.65
C HIS A 161 15.19 -8.09 -11.20
N VAL A 162 15.09 -7.08 -10.34
CA VAL A 162 14.73 -7.34 -8.94
C VAL A 162 13.33 -7.95 -8.88
N PHE A 163 12.46 -7.48 -9.77
CA PHE A 163 11.10 -7.96 -9.82
C PHE A 163 10.94 -8.95 -10.97
N SER A 164 9.95 -8.80 -11.84
CA SER A 164 9.72 -9.90 -12.80
C SER A 164 10.73 -9.85 -13.94
N LYS A 165 10.82 -10.94 -14.70
CA LYS A 165 11.66 -11.00 -15.89
C LYS A 165 11.34 -9.92 -16.91
N LYS A 166 10.10 -9.44 -16.90
CA LYS A 166 9.70 -8.40 -17.83
C LYS A 166 9.73 -7.01 -17.15
N GLN A 167 10.51 -6.90 -16.08
CA GLN A 167 10.77 -5.64 -15.40
C GLN A 167 12.26 -5.37 -15.16
N PRO A 168 13.03 -5.17 -16.25
CA PRO A 168 14.45 -4.84 -16.11
C PRO A 168 14.68 -3.55 -15.31
N ASP A 169 15.57 -3.60 -14.34
CA ASP A 169 15.90 -2.43 -13.53
C ASP A 169 16.62 -1.35 -14.33
N LEU A 170 16.19 -0.11 -14.10
CA LEU A 170 16.91 1.06 -14.64
C LEU A 170 18.23 1.26 -13.91
N ASN A 171 19.22 1.77 -14.63
CA ASN A 171 20.52 2.05 -14.04
C ASN A 171 20.59 3.47 -13.51
N TRP A 172 20.40 3.64 -12.21
CA TRP A 172 20.38 4.97 -11.63
C TRP A 172 21.79 5.56 -11.51
N GLU A 173 22.81 4.79 -11.88
CA GLU A 173 24.16 5.36 -11.89
C GLU A 173 24.44 6.12 -13.20
N ASN A 174 23.52 6.04 -14.15
CA ASN A 174 23.66 6.71 -15.44
C ASN A 174 22.95 8.06 -15.41
N GLU A 175 23.70 9.16 -15.55
CA GLU A 175 23.10 10.50 -15.48
C GLU A 175 22.06 10.71 -16.58
N LYS A 176 22.25 10.03 -17.70
CA LYS A 176 21.34 10.17 -18.83
C LYS A 176 19.96 9.62 -18.49
N VAL A 177 19.96 8.48 -17.80
CA VAL A 177 18.72 7.88 -17.29
C VAL A 177 18.01 8.82 -16.33
N ARG A 178 18.77 9.37 -15.37
CA ARG A 178 18.15 10.20 -14.35
C ARG A 178 17.51 11.42 -14.99
N HIS A 179 18.22 12.02 -15.95
CA HIS A 179 17.72 13.20 -16.65
C HIS A 179 16.40 12.94 -17.36
N GLU A 180 16.30 11.80 -18.03
CA GLU A 180 15.07 11.46 -18.74
C GLU A 180 13.94 11.19 -17.76
N LEU A 181 14.25 10.57 -16.63
CA LEU A 181 13.22 10.31 -15.61
C LEU A 181 12.72 11.63 -15.03
N TYR A 182 13.62 12.57 -14.77
CA TYR A 182 13.19 13.82 -14.15
C TYR A 182 12.31 14.61 -15.12
N GLU A 183 12.65 14.61 -16.41
CA GLU A 183 11.82 15.27 -17.42
C GLU A 183 10.42 14.69 -17.45
N MET A 184 10.34 13.38 -17.37
CA MET A 184 9.06 12.67 -17.40
C MET A 184 8.23 13.00 -16.16
N VAL A 185 8.88 13.03 -15.00
CA VAL A 185 8.18 13.33 -13.76
C VAL A 185 7.60 14.73 -13.83
N ASN A 186 8.40 15.67 -14.30
CA ASN A 186 7.92 17.05 -14.35
C ASN A 186 6.83 17.28 -15.40
N TRP A 187 6.89 16.50 -16.47
CA TRP A 187 5.83 16.50 -17.47
C TRP A 187 4.48 16.17 -16.84
N TRP A 188 4.45 15.14 -16.00
CA TRP A 188 3.23 14.83 -15.27
C TRP A 188 2.83 15.93 -14.28
N LEU A 189 3.81 16.46 -13.56
CA LEU A 189 3.49 17.49 -12.57
C LEU A 189 2.98 18.76 -13.23
N ASP A 190 3.45 19.01 -14.46
CA ASP A 190 2.97 20.18 -15.23
C ASP A 190 1.50 20.07 -15.62
N LYS A 191 0.93 18.87 -15.57
CA LYS A 191 -0.50 18.69 -15.86
C LYS A 191 -1.40 19.06 -14.67
N GLY A 192 -0.80 19.26 -13.50
CA GLY A 192 -1.57 19.63 -12.32
C GLY A 192 -2.03 18.45 -11.48
N ILE A 193 -1.34 17.32 -11.56
CA ILE A 193 -1.59 16.26 -10.59
C ILE A 193 -1.04 16.75 -9.26
N ASP A 194 -1.42 16.08 -8.18
CA ASP A 194 -1.13 16.61 -6.85
C ASP A 194 -0.01 15.90 -6.12
N GLY A 195 0.73 15.09 -6.85
CA GLY A 195 1.87 14.40 -6.27
C GLY A 195 1.94 12.95 -6.67
N PHE A 196 2.71 12.17 -5.92
CA PHE A 196 3.00 10.79 -6.29
C PHE A 196 3.09 9.90 -5.08
N ARG A 197 2.67 8.66 -5.27
CA ARG A 197 3.15 7.55 -4.46
C ARG A 197 4.32 6.96 -5.24
N VAL A 198 5.47 6.80 -4.59
CA VAL A 198 6.70 6.48 -5.34
C VAL A 198 7.08 5.01 -5.12
N ASP A 199 6.94 4.24 -6.19
CA ASP A 199 7.07 2.77 -6.15
C ASP A 199 8.49 2.24 -5.94
N ALA A 200 8.62 1.24 -5.07
CA ALA A 200 9.86 0.47 -4.91
C ALA A 200 11.09 1.35 -4.78
N ILE A 201 10.92 2.52 -4.15
CA ILE A 201 11.91 3.57 -4.30
C ILE A 201 13.17 3.27 -3.47
N SER A 202 13.07 2.39 -2.48
CA SER A 202 14.25 2.00 -1.73
C SER A 202 15.13 0.99 -2.48
N HIS A 203 14.72 0.58 -3.68
CA HIS A 203 15.53 -0.41 -4.41
C HIS A 203 16.43 0.15 -5.52
N ILE A 204 16.52 1.49 -5.65
CA ILE A 204 17.21 2.03 -6.82
C ILE A 204 18.73 2.02 -6.72
N LYS A 205 19.28 1.83 -5.52
CA LYS A 205 20.74 1.77 -5.35
C LYS A 205 21.18 0.34 -5.15
N LYS A 206 21.97 -0.16 -6.09
CA LYS A 206 22.53 -1.51 -5.99
C LYS A 206 23.94 -1.43 -5.44
N VAL A 207 24.34 -2.41 -4.63
CA VAL A 207 25.73 -2.50 -4.17
C VAL A 207 26.64 -2.61 -5.40
N ALA A 208 27.61 -1.70 -5.50
CA ALA A 208 28.47 -1.64 -6.68
C ALA A 208 29.20 -2.96 -6.94
N GLY A 209 29.15 -3.42 -8.18
CA GLY A 209 29.80 -4.66 -8.58
C GLY A 209 28.94 -5.89 -8.31
N PHE A 210 27.78 -5.67 -7.70
CA PHE A 210 26.78 -6.74 -7.45
C PHE A 210 27.38 -8.03 -6.89
N PRO A 211 28.04 -7.95 -5.73
CA PRO A 211 28.69 -9.17 -5.24
C PRO A 211 27.71 -10.24 -4.77
N ASP A 212 28.15 -11.50 -4.85
CA ASP A 212 27.42 -12.63 -4.29
C ASP A 212 27.05 -12.39 -2.82
N LEU A 213 25.89 -12.88 -2.42
CA LEU A 213 25.47 -12.80 -1.03
C LEU A 213 25.76 -14.12 -0.31
N PRO A 214 25.91 -14.07 1.03
CA PRO A 214 26.14 -15.32 1.77
C PRO A 214 24.99 -16.30 1.59
N ASN A 215 25.32 -17.57 1.52
CA ASN A 215 24.33 -18.59 1.23
C ASN A 215 24.41 -19.75 2.21
N PRO A 216 24.14 -19.48 3.50
CA PRO A 216 24.29 -20.50 4.56
C PRO A 216 23.44 -21.74 4.32
N GLU A 217 22.28 -21.57 3.69
CA GLU A 217 21.38 -22.69 3.51
C GLU A 217 21.48 -23.32 2.13
N LYS A 218 22.49 -22.88 1.37
CA LYS A 218 22.80 -23.46 0.06
C LYS A 218 21.61 -23.50 -0.88
N LEU A 219 20.92 -22.36 -0.98
CA LEU A 219 19.80 -22.20 -1.90
C LEU A 219 20.25 -22.03 -3.35
N ASP A 220 19.34 -22.29 -4.28
CA ASP A 220 19.61 -22.08 -5.70
C ASP A 220 19.90 -20.60 -5.95
N TYR A 221 19.10 -19.76 -5.29
CA TYR A 221 19.24 -18.32 -5.37
C TYR A 221 18.98 -17.72 -3.99
N VAL A 222 19.67 -16.62 -3.68
CA VAL A 222 19.65 -16.05 -2.34
C VAL A 222 18.78 -14.80 -2.29
N PRO A 223 17.78 -14.73 -1.38
CA PRO A 223 17.02 -13.49 -1.21
C PRO A 223 17.98 -12.30 -1.15
N SER A 224 17.75 -11.29 -1.99
CA SER A 224 18.81 -10.34 -2.29
C SER A 224 18.59 -8.90 -1.78
N PHE A 225 17.75 -8.74 -0.76
CA PHE A 225 17.50 -7.42 -0.19
C PHE A 225 18.78 -6.69 0.26
N GLU A 226 19.76 -7.43 0.77
CA GLU A 226 20.99 -6.79 1.21
C GLU A 226 21.83 -6.30 0.02
N GLY A 227 21.43 -6.66 -1.20
CA GLY A 227 22.13 -6.18 -2.37
C GLY A 227 21.52 -4.93 -3.01
N HIS A 228 20.28 -4.57 -2.64
CA HIS A 228 19.60 -3.49 -3.36
C HIS A 228 18.52 -2.75 -2.58
N MET A 229 18.26 -3.14 -1.33
CA MET A 229 17.22 -2.44 -0.58
C MET A 229 17.81 -1.44 0.43
N ASN A 230 17.49 -0.16 0.24
CA ASN A 230 17.96 0.92 1.11
C ASN A 230 19.48 0.87 1.31
N ARG A 231 20.21 0.75 0.21
CA ARG A 231 21.68 0.62 0.26
C ARG A 231 22.34 1.98 0.37
N PRO A 232 23.46 2.06 1.11
CA PRO A 232 24.21 3.32 1.20
C PRO A 232 24.50 3.89 -0.19
N GLY A 233 24.28 5.19 -0.34
CA GLY A 233 24.42 5.82 -1.64
C GLY A 233 23.07 6.18 -2.24
N ILE A 234 22.01 5.58 -1.71
CA ILE A 234 20.68 5.86 -2.25
C ILE A 234 20.25 7.31 -2.03
N GLN A 235 20.65 7.90 -0.90
CA GLN A 235 20.14 9.24 -0.57
C GLN A 235 20.63 10.30 -1.56
N GLU A 236 21.81 10.10 -2.14
CA GLU A 236 22.32 11.01 -3.18
C GLU A 236 21.33 11.10 -4.33
N HIS A 237 20.83 9.94 -4.77
CA HIS A 237 19.85 9.90 -5.85
C HIS A 237 18.52 10.50 -5.44
N LEU A 238 18.05 10.18 -4.24
CA LEU A 238 16.73 10.66 -3.82
C LEU A 238 16.74 12.17 -3.59
N LYS A 239 17.86 12.70 -3.11
CA LYS A 239 17.99 14.14 -2.92
C LYS A 239 17.95 14.85 -4.26
N GLU A 240 18.64 14.29 -5.25
CA GLU A 240 18.60 14.86 -6.59
C GLU A 240 17.19 14.78 -7.19
N LEU A 241 16.54 13.64 -7.03
CA LEU A 241 15.16 13.48 -7.50
C LEU A 241 14.26 14.58 -6.94
N LYS A 242 14.34 14.80 -5.62
CA LYS A 242 13.55 15.84 -4.98
C LYS A 242 13.87 17.25 -5.52
N GLU A 243 15.15 17.56 -5.62
CA GLU A 243 15.57 18.88 -6.09
C GLU A 243 15.15 19.17 -7.53
N LYS A 244 15.23 18.15 -8.39
CA LYS A 244 14.95 18.34 -9.81
C LYS A 244 13.47 18.27 -10.15
N THR A 245 12.66 17.71 -9.24
CA THR A 245 11.25 17.49 -9.56
C THR A 245 10.35 17.99 -8.43
N PHE A 246 10.16 17.15 -7.41
CA PHE A 246 9.14 17.38 -6.37
C PHE A 246 9.19 18.78 -5.73
N ALA A 247 10.39 19.27 -5.46
CA ALA A 247 10.56 20.51 -4.70
C ALA A 247 10.04 21.73 -5.46
N LYS A 248 9.83 21.57 -6.76
CA LYS A 248 9.40 22.67 -7.61
C LYS A 248 7.89 22.86 -7.60
N TYR A 249 7.17 21.96 -6.94
CA TYR A 249 5.71 21.98 -6.97
C TYR A 249 5.11 21.85 -5.57
N ASP A 250 3.89 22.37 -5.39
CA ASP A 250 3.18 22.17 -4.13
C ASP A 250 2.41 20.87 -4.23
N ILE A 251 3.05 19.77 -3.87
CA ILE A 251 2.47 18.45 -4.03
C ILE A 251 2.69 17.62 -2.77
N MET A 252 2.07 16.44 -2.70
CA MET A 252 2.44 15.48 -1.67
C MET A 252 3.15 14.27 -2.28
N THR A 253 4.17 13.79 -1.57
CA THR A 253 4.85 12.58 -2.01
C THR A 253 4.88 11.57 -0.87
N VAL A 254 4.54 10.32 -1.20
CA VAL A 254 4.68 9.25 -0.25
C VAL A 254 5.53 8.14 -0.88
N GLY A 255 6.65 7.83 -0.27
CA GLY A 255 7.58 6.88 -0.84
C GLY A 255 7.32 5.49 -0.31
N GLN A 256 7.26 4.50 -1.20
CA GLN A 256 7.11 3.12 -0.74
C GLN A 256 8.49 2.60 -0.40
N ALA A 257 8.81 2.54 0.88
CA ALA A 257 10.20 2.42 1.32
C ALA A 257 10.44 1.25 2.27
N ASN A 258 10.48 0.05 1.71
CA ASN A 258 10.84 -1.13 2.46
C ASN A 258 12.30 -1.02 2.94
N GLY A 259 12.62 -1.59 4.10
CA GLY A 259 14.00 -1.60 4.58
C GLY A 259 14.40 -0.38 5.39
N VAL A 260 13.41 0.48 5.66
CA VAL A 260 13.60 1.66 6.51
C VAL A 260 12.95 1.42 7.87
N THR A 261 13.67 1.73 8.94
CA THR A 261 13.15 1.53 10.29
C THR A 261 12.90 2.87 10.95
N SER A 262 12.23 2.85 12.10
CA SER A 262 11.80 4.11 12.71
C SER A 262 12.99 4.94 13.19
N ASP A 263 14.13 4.32 13.42
CA ASP A 263 15.31 5.08 13.82
C ASP A 263 16.18 5.48 12.62
N SER A 264 15.84 5.02 11.42
CA SER A 264 16.63 5.39 10.23
C SER A 264 15.78 6.16 9.21
N ALA A 265 14.67 6.73 9.67
CA ALA A 265 13.74 7.40 8.77
C ALA A 265 14.08 8.87 8.52
N ASP A 266 15.11 9.38 9.21
CA ASP A 266 15.41 10.80 9.17
C ASP A 266 15.56 11.40 7.77
N GLU A 267 16.36 10.77 6.93
CA GLU A 267 16.63 11.35 5.64
C GLU A 267 15.44 11.15 4.70
N TRP A 268 14.51 10.29 5.10
CA TRP A 268 13.35 9.99 4.26
C TRP A 268 12.20 10.96 4.48
N VAL A 269 11.94 11.34 5.73
CA VAL A 269 10.74 12.15 5.99
C VAL A 269 10.90 13.35 6.91
N ALA A 270 12.12 13.62 7.38
CA ALA A 270 12.31 14.79 8.26
C ALA A 270 11.79 16.05 7.58
N GLU A 271 11.12 16.92 8.35
CA GLU A 271 10.65 18.19 7.82
C GLU A 271 11.82 18.95 7.19
N ASP A 272 12.97 18.89 7.84
CA ASP A 272 14.14 19.55 7.30
C ASP A 272 14.99 18.59 6.49
N GLY A 273 14.82 18.62 5.18
CA GLY A 273 15.70 17.88 4.29
C GLY A 273 15.24 16.49 3.92
N GLY A 274 14.10 16.06 4.46
CA GLY A 274 13.56 14.75 4.09
C GLY A 274 13.18 14.73 2.63
N ASN A 275 13.32 13.58 1.97
CA ASN A 275 13.11 13.58 0.53
C ASN A 275 11.66 13.29 0.12
N PHE A 276 10.83 12.88 1.09
CA PHE A 276 9.39 12.67 0.87
C PHE A 276 8.60 13.31 2.02
N ASN A 277 7.31 13.58 1.82
CA ASN A 277 6.49 14.05 2.93
C ASN A 277 6.22 12.93 3.93
N MET A 278 6.15 11.70 3.42
CA MET A 278 5.91 10.53 4.24
C MET A 278 6.35 9.29 3.49
N ILE A 279 6.43 8.16 4.19
CA ILE A 279 6.72 6.90 3.53
C ILE A 279 5.78 5.81 4.01
N PHE A 280 5.58 4.81 3.14
CA PHE A 280 4.97 3.57 3.57
C PHE A 280 6.08 2.72 4.14
N GLN A 281 6.06 2.48 5.46
CA GLN A 281 7.05 1.61 6.07
C GLN A 281 6.45 0.23 6.32
N PHE A 282 7.31 -0.78 6.35
CA PHE A 282 6.88 -2.17 6.27
C PHE A 282 6.94 -2.95 7.59
N GLU A 283 7.37 -2.29 8.66
CA GLU A 283 7.70 -3.03 9.87
C GLU A 283 6.49 -3.71 10.52
N HIS A 284 5.29 -3.16 10.34
CA HIS A 284 4.12 -3.81 10.94
C HIS A 284 3.42 -4.78 9.98
N MET A 285 3.99 -4.96 8.79
CA MET A 285 3.30 -5.77 7.78
C MET A 285 3.91 -7.16 7.60
N GLY A 286 4.92 -7.50 8.39
CA GLY A 286 5.56 -8.81 8.33
C GLY A 286 5.47 -9.65 9.59
N LEU A 287 4.38 -9.48 10.35
CA LEU A 287 4.17 -10.21 11.61
C LEU A 287 3.43 -11.54 11.39
N TRP A 288 4.08 -12.47 10.69
CA TRP A 288 3.44 -13.75 10.37
C TRP A 288 3.50 -14.73 11.53
N LYS A 294 -2.12 -16.76 14.02
CA LYS A 294 -2.25 -17.30 15.37
C LYS A 294 -2.85 -16.15 16.17
N PRO A 295 -2.86 -16.23 17.52
CA PRO A 295 -3.18 -14.89 18.02
C PRO A 295 -2.10 -13.90 17.60
N LEU A 296 -2.51 -12.82 16.98
CA LEU A 296 -1.64 -11.68 16.72
C LEU A 296 -0.86 -11.37 17.98
N ASP A 297 0.44 -11.09 17.85
CA ASP A 297 1.21 -10.58 18.98
C ASP A 297 0.94 -9.09 19.11
N LEU A 298 -0.09 -8.74 19.88
CA LEU A 298 -0.56 -7.36 19.95
C LEU A 298 0.52 -6.44 20.48
N ILE A 299 1.30 -6.91 21.46
CA ILE A 299 2.25 -6.02 22.10
C ILE A 299 3.39 -5.72 21.12
N GLU A 300 3.73 -6.68 20.27
CA GLU A 300 4.70 -6.41 19.21
C GLU A 300 4.18 -5.35 18.25
N LEU A 301 2.88 -5.38 17.95
CA LEU A 301 2.30 -4.34 17.08
C LEU A 301 2.34 -2.98 17.77
N LYS A 302 1.99 -2.95 19.05
CA LYS A 302 2.10 -1.73 19.84
C LYS A 302 3.53 -1.17 19.76
N THR A 303 4.53 -2.05 19.91
CA THR A 303 5.91 -1.59 19.96
C THR A 303 6.32 -0.94 18.65
N ILE A 304 5.96 -1.59 17.54
CA ILE A 304 6.31 -1.10 16.21
C ILE A 304 5.61 0.22 15.89
N LEU A 305 4.29 0.28 16.02
CA LEU A 305 3.60 1.51 15.66
C LEU A 305 3.98 2.64 16.60
N THR A 306 4.19 2.32 17.88
CA THR A 306 4.61 3.35 18.84
C THR A 306 6.02 3.86 18.52
N ASN A 307 6.91 2.96 18.11
CA ASN A 307 8.24 3.36 17.66
C ASN A 307 8.15 4.43 16.58
N TRP A 308 7.23 4.23 15.63
CA TRP A 308 7.08 5.17 14.53
C TRP A 308 6.37 6.46 14.94
N GLN A 309 5.39 6.37 15.84
CA GLN A 309 4.77 7.57 16.38
C GLN A 309 5.78 8.44 17.12
N ASN A 310 6.52 7.84 18.04
CA ASN A 310 7.51 8.59 18.81
C ASN A 310 8.72 9.00 17.96
N GLY A 311 9.17 8.10 17.11
CA GLY A 311 10.34 8.35 16.28
C GLY A 311 10.20 9.56 15.38
N LEU A 312 9.08 9.66 14.67
CA LEU A 312 8.90 10.74 13.70
C LEU A 312 8.55 12.05 14.40
N GLU A 313 7.93 11.97 15.57
CA GLU A 313 7.67 13.16 16.37
C GLU A 313 8.98 13.87 16.68
N LYS A 314 10.00 13.09 16.99
CA LYS A 314 11.31 13.60 17.39
C LYS A 314 12.03 14.35 16.27
N ILE A 315 11.76 14.00 15.01
CA ILE A 315 12.43 14.64 13.88
C ILE A 315 11.46 15.48 13.03
N ASN A 316 10.27 15.73 13.59
CA ASN A 316 9.22 16.44 12.88
C ASN A 316 8.94 15.80 11.52
N GLY A 317 8.79 14.49 11.52
CA GLY A 317 8.38 13.77 10.33
C GLY A 317 6.88 13.55 10.38
N TRP A 318 6.35 12.85 9.39
CA TRP A 318 4.91 12.61 9.29
C TRP A 318 4.69 11.17 8.87
N ASN A 319 3.86 10.44 9.61
CA ASN A 319 3.55 9.06 9.27
C ASN A 319 2.48 8.92 8.20
N ALA A 320 2.65 7.91 7.34
CA ALA A 320 1.57 7.42 6.49
C ALA A 320 0.94 6.22 7.19
N LEU A 321 -0.34 6.34 7.57
CA LEU A 321 -1.03 5.31 8.35
C LEU A 321 -1.81 4.38 7.44
N TYR A 322 -1.62 3.07 7.60
CA TYR A 322 -2.26 2.10 6.71
C TYR A 322 -2.17 0.69 7.28
N LEU A 323 -3.14 -0.14 6.92
CA LEU A 323 -3.12 -1.57 7.21
C LEU A 323 -3.31 -2.43 5.95
N GLU A 324 -3.73 -1.80 4.85
CA GLU A 324 -4.00 -2.53 3.60
C GLU A 324 -3.40 -1.83 2.39
N ASN A 325 -3.12 -2.64 1.35
CA ASN A 325 -2.82 -2.13 0.00
C ASN A 325 -2.86 -3.31 -0.96
N HIS A 326 -2.49 -3.05 -2.21
CA HIS A 326 -2.60 -4.06 -3.27
C HIS A 326 -1.53 -5.16 -3.14
N ASP A 327 -0.62 -5.02 -2.18
CA ASP A 327 0.47 -5.98 -1.96
C ASP A 327 0.26 -6.87 -0.72
N GLN A 328 -0.86 -6.68 -0.02
CA GLN A 328 -1.06 -7.37 1.24
C GLN A 328 -2.33 -8.19 1.22
N ILE A 329 -2.50 -9.08 2.19
CA ILE A 329 -3.80 -9.72 2.37
C ILE A 329 -4.74 -8.73 3.05
N ARG A 330 -6.02 -9.07 3.17
CA ARG A 330 -6.99 -8.18 3.80
C ARG A 330 -6.75 -8.04 5.31
N SER A 331 -7.02 -6.87 5.88
CA SER A 331 -6.64 -6.62 7.27
C SER A 331 -7.52 -7.37 8.28
N VAL A 332 -8.78 -7.63 7.94
CA VAL A 332 -9.60 -8.46 8.84
C VAL A 332 -8.88 -9.80 9.06
N ASN A 333 -8.37 -10.40 7.99
CA ASN A 333 -7.61 -11.64 8.13
C ASN A 333 -6.27 -11.43 8.82
N LYS A 334 -5.55 -10.38 8.42
CA LYS A 334 -4.18 -10.15 8.91
C LYS A 334 -4.11 -9.73 10.37
N PHE A 335 -5.03 -8.85 10.79
CA PHE A 335 -4.97 -8.21 12.10
C PHE A 335 -6.24 -8.37 12.93
N GLY A 336 -7.33 -8.81 12.30
CA GLY A 336 -8.60 -8.92 12.99
C GLY A 336 -9.05 -10.37 13.12
N SER A 337 -10.36 -10.60 12.91
CA SER A 337 -10.93 -11.92 13.07
C SER A 337 -12.11 -12.14 12.13
N THR A 338 -12.08 -13.25 11.39
CA THR A 338 -13.21 -13.57 10.51
C THR A 338 -14.43 -14.03 11.33
N ALA A 339 -14.20 -14.40 12.58
CA ALA A 339 -15.29 -14.77 13.49
C ALA A 339 -16.05 -13.53 13.97
N TYR A 340 -15.38 -12.38 13.90
CA TYR A 340 -15.99 -11.11 14.24
C TYR A 340 -15.65 -10.13 13.15
N ARG A 341 -16.10 -10.40 11.94
CA ARG A 341 -15.66 -9.63 10.77
C ARG A 341 -15.98 -8.15 10.87
N VAL A 342 -17.23 -7.81 11.12
CA VAL A 342 -17.64 -6.41 11.14
C VAL A 342 -17.07 -5.66 12.33
N GLU A 343 -17.12 -6.30 13.50
CA GLU A 343 -16.61 -5.67 14.71
C GLU A 343 -15.08 -5.47 14.64
N SER A 344 -14.34 -6.48 14.18
CA SER A 344 -12.88 -6.32 14.08
C SER A 344 -12.51 -5.33 12.96
N ALA A 345 -13.28 -5.27 11.87
CA ALA A 345 -13.00 -4.25 10.86
C ALA A 345 -13.13 -2.85 11.44
N LYS A 346 -14.15 -2.61 12.27
CA LYS A 346 -14.31 -1.27 12.83
C LYS A 346 -13.25 -1.00 13.88
N CYS A 347 -12.95 -2.02 14.69
CA CYS A 347 -11.91 -1.91 15.71
C CYS A 347 -10.57 -1.55 15.06
N LEU A 348 -10.20 -2.28 14.02
CA LEU A 348 -8.97 -2.02 13.28
C LEU A 348 -8.95 -0.61 12.70
N ALA A 349 -10.10 -0.16 12.20
CA ALA A 349 -10.20 1.16 11.59
C ALA A 349 -9.88 2.26 12.60
N ALA A 350 -10.59 2.28 13.73
CA ALA A 350 -10.27 3.24 14.78
C ALA A 350 -8.81 3.15 15.22
N LEU A 351 -8.30 1.92 15.40
CA LEU A 351 -6.93 1.72 15.85
C LEU A 351 -5.92 2.45 14.94
N TYR A 352 -5.89 2.12 13.65
CA TYR A 352 -4.83 2.67 12.80
C TYR A 352 -5.09 4.11 12.35
N PHE A 353 -6.36 4.46 12.18
CA PHE A 353 -6.78 5.69 11.50
C PHE A 353 -6.57 6.89 12.42
N LEU A 354 -6.62 6.67 13.73
CA LEU A 354 -6.59 7.80 14.67
C LEU A 354 -5.23 8.01 15.34
N MET A 355 -4.18 7.43 14.79
CA MET A 355 -2.84 7.76 15.25
C MET A 355 -2.40 9.03 14.53
N LYS A 356 -1.23 9.55 14.87
CA LYS A 356 -0.82 10.81 14.24
C LYS A 356 -0.24 10.48 12.87
N GLY A 357 -0.83 11.06 11.84
CA GLY A 357 -0.33 10.84 10.50
C GLY A 357 -1.43 11.03 9.47
N THR A 358 -1.13 10.69 8.23
CA THR A 358 -2.10 10.75 7.14
C THR A 358 -2.63 9.35 6.88
N PRO A 359 -3.94 9.13 7.12
CA PRO A 359 -4.43 7.76 6.94
C PRO A 359 -4.81 7.45 5.48
N PHE A 360 -4.52 6.22 5.07
CA PHE A 360 -4.86 5.69 3.74
C PHE A 360 -5.88 4.59 3.90
N ILE A 361 -6.92 4.63 3.07
CA ILE A 361 -7.93 3.57 3.00
C ILE A 361 -7.77 2.86 1.66
N TYR A 362 -7.61 1.54 1.69
CA TYR A 362 -7.47 0.78 0.45
C TYR A 362 -8.85 0.28 0.03
N GLN A 363 -9.13 0.29 -1.28
CA GLN A 363 -10.48 -0.01 -1.74
C GLN A 363 -10.99 -1.34 -1.15
N GLY A 364 -12.14 -1.28 -0.50
CA GLY A 364 -12.75 -2.47 0.09
C GLY A 364 -12.46 -2.61 1.57
N GLN A 365 -11.41 -1.95 2.04
CA GLN A 365 -11.08 -1.93 3.48
C GLN A 365 -12.26 -1.35 4.26
N GLU A 366 -12.88 -0.34 3.69
CA GLU A 366 -13.98 0.35 4.34
C GLU A 366 -15.26 -0.48 4.38
N LEU A 367 -15.23 -1.65 3.73
CA LEU A 367 -16.38 -2.57 3.75
C LEU A 367 -16.14 -3.79 4.64
N GLY A 368 -14.89 -3.96 5.07
CA GLY A 368 -14.50 -5.16 5.79
C GLY A 368 -14.42 -6.33 4.83
N MET A 369 -13.95 -6.08 3.61
CA MET A 369 -13.72 -7.19 2.67
C MET A 369 -12.65 -8.13 3.23
N THR A 370 -12.71 -9.40 2.84
CA THR A 370 -11.81 -10.41 3.40
C THR A 370 -11.13 -11.25 2.33
N ASN A 371 -10.24 -12.12 2.77
CA ASN A 371 -9.49 -12.97 1.87
C ASN A 371 -10.40 -13.93 1.10
N VAL A 372 -9.90 -14.41 -0.02
CA VAL A 372 -10.64 -15.32 -0.87
C VAL A 372 -9.87 -16.65 -0.96
N LYS A 373 -10.56 -17.74 -1.29
CA LYS A 373 -9.90 -19.04 -1.45
C LYS A 373 -10.29 -19.68 -2.76
N PHE A 374 -9.49 -19.46 -3.80
CA PHE A 374 -9.73 -20.13 -5.09
C PHE A 374 -8.91 -21.42 -5.15
N ASP A 375 -9.51 -22.48 -5.67
CA ASP A 375 -8.85 -23.78 -5.68
C ASP A 375 -7.81 -23.93 -6.78
N SER A 376 -8.02 -23.27 -7.91
CA SER A 376 -7.12 -23.47 -9.05
C SER A 376 -6.06 -22.39 -9.16
N ILE A 377 -4.82 -22.78 -9.42
CA ILE A 377 -3.76 -21.78 -9.63
C ILE A 377 -4.08 -20.93 -10.86
N ASP A 378 -4.93 -21.44 -11.74
CA ASP A 378 -5.36 -20.70 -12.92
C ASP A 378 -6.28 -19.53 -12.56
N ASP A 379 -6.86 -19.57 -11.37
CA ASP A 379 -7.74 -18.50 -10.89
C ASP A 379 -6.96 -17.30 -10.38
N TYR A 380 -5.67 -17.49 -10.13
CA TYR A 380 -4.82 -16.42 -9.63
C TYR A 380 -4.03 -15.76 -10.75
N ASP A 381 -3.44 -14.60 -10.45
CA ASP A 381 -2.80 -13.78 -11.48
C ASP A 381 -1.42 -13.29 -11.08
N ASP A 382 -1.22 -13.11 -9.78
CA ASP A 382 0.00 -12.53 -9.21
C ASP A 382 1.26 -13.27 -9.68
N VAL A 383 2.08 -12.57 -10.45
CA VAL A 383 3.31 -13.15 -11.03
C VAL A 383 4.18 -13.75 -9.92
N GLY A 384 4.17 -13.13 -8.76
CA GLY A 384 4.94 -13.60 -7.63
C GLY A 384 4.53 -15.00 -7.16
N MET A 385 3.25 -15.19 -6.94
CA MET A 385 2.77 -16.48 -6.44
C MET A 385 2.70 -17.53 -7.54
N ILE A 386 2.51 -17.11 -8.79
CA ILE A 386 2.50 -18.06 -9.91
C ILE A 386 3.90 -18.67 -10.05
N ASN A 387 4.92 -17.82 -9.91
CA ASN A 387 6.31 -18.27 -9.87
C ASN A 387 6.62 -19.19 -8.69
N TYR A 388 6.18 -18.74 -7.53
CA TYR A 388 6.32 -19.52 -6.31
C TYR A 388 5.73 -20.91 -6.50
N TYR A 389 4.51 -20.97 -7.04
CA TYR A 389 3.82 -22.24 -7.27
C TYR A 389 4.68 -23.18 -8.13
N ARG A 390 5.13 -22.70 -9.27
CA ARG A 390 5.93 -23.54 -10.15
C ARG A 390 7.20 -24.05 -9.47
N ILE A 391 7.93 -23.14 -8.86
CA ILE A 391 9.22 -23.46 -8.26
C ILE A 391 9.08 -24.46 -7.11
N GLN A 392 8.09 -24.25 -6.26
CA GLN A 392 7.92 -25.11 -5.09
C GLN A 392 7.29 -26.46 -5.44
N ARG A 393 6.50 -26.49 -6.51
CA ARG A 393 5.92 -27.73 -6.99
C ARG A 393 7.04 -28.63 -7.51
N GLU A 394 7.96 -28.04 -8.26
CA GLU A 394 9.06 -28.79 -8.82
C GLU A 394 9.96 -29.32 -7.70
N LYS A 395 10.05 -28.57 -6.61
CA LYS A 395 10.87 -28.98 -5.48
C LYS A 395 10.16 -30.02 -4.60
N GLY A 396 8.87 -30.24 -4.85
CA GLY A 396 8.18 -31.32 -4.17
C GLY A 396 7.02 -30.96 -3.26
N ASP A 397 6.79 -29.67 -3.08
CA ASP A 397 5.64 -29.22 -2.29
C ASP A 397 4.35 -29.65 -2.97
N SER A 398 3.36 -30.08 -2.19
CA SER A 398 2.09 -30.48 -2.75
C SER A 398 1.26 -29.25 -3.14
N HIS A 399 0.26 -29.46 -4.00
CA HIS A 399 -0.69 -28.43 -4.36
C HIS A 399 -1.26 -27.75 -3.12
N ASP A 400 -1.70 -28.56 -2.15
CA ASP A 400 -2.27 -28.05 -0.90
C ASP A 400 -1.34 -27.16 -0.09
N GLU A 401 -0.11 -27.63 0.11
CA GLU A 401 0.90 -26.85 0.82
C GLU A 401 1.06 -25.46 0.19
N ILE A 402 1.15 -25.44 -1.14
CA ILE A 402 1.38 -24.18 -1.85
C ILE A 402 0.15 -23.28 -1.80
N MET A 403 -1.04 -23.84 -2.02
CA MET A 403 -2.24 -23.03 -2.03
C MET A 403 -2.46 -22.42 -0.64
N LYS A 404 -2.00 -23.10 0.40
CA LYS A 404 -2.07 -22.58 1.76
C LYS A 404 -1.30 -21.26 1.90
N VAL A 405 -0.09 -21.23 1.35
CA VAL A 405 0.72 -20.03 1.36
C VAL A 405 0.02 -18.93 0.56
N ILE A 406 -0.49 -19.31 -0.62
CA ILE A 406 -1.16 -18.34 -1.47
C ILE A 406 -2.42 -17.79 -0.80
N TRP A 407 -3.22 -18.67 -0.20
CA TRP A 407 -4.44 -18.26 0.48
C TRP A 407 -4.13 -17.34 1.66
N GLU A 408 -3.08 -17.66 2.39
CA GLU A 408 -2.81 -17.00 3.65
C GLU A 408 -1.92 -15.77 3.53
N THR A 409 -1.16 -15.66 2.43
CA THR A 409 -0.18 -14.59 2.30
C THR A 409 -0.20 -13.85 0.96
N GLY A 410 -0.95 -14.34 -0.03
CA GLY A 410 -0.88 -13.81 -1.38
C GLY A 410 -1.63 -12.51 -1.59
N ARG A 411 -1.00 -11.56 -2.30
CA ARG A 411 -1.57 -10.24 -2.47
C ARG A 411 -2.80 -10.21 -3.39
N ASP A 412 -3.03 -11.31 -4.11
CA ASP A 412 -4.24 -11.41 -4.93
C ASP A 412 -5.50 -11.30 -4.09
N ASN A 413 -5.38 -11.67 -2.80
CA ASN A 413 -6.46 -11.47 -1.84
C ASN A 413 -7.04 -10.05 -1.84
N SER A 414 -6.21 -9.07 -2.19
CA SER A 414 -6.62 -7.68 -2.16
C SER A 414 -7.01 -7.13 -3.51
N ARG A 415 -7.00 -7.99 -4.51
CA ARG A 415 -7.20 -7.55 -5.90
C ARG A 415 -8.50 -8.07 -6.51
N THR A 416 -9.33 -8.72 -5.72
CA THR A 416 -10.63 -9.17 -6.21
C THR A 416 -11.54 -7.95 -6.40
N PRO A 417 -12.50 -8.03 -7.34
CA PRO A 417 -13.38 -6.91 -7.67
C PRO A 417 -14.02 -6.21 -6.48
N MET A 418 -14.01 -4.88 -6.52
CA MET A 418 -14.70 -4.06 -5.53
C MET A 418 -16.17 -4.45 -5.49
N GLN A 419 -16.74 -4.56 -4.29
CA GLN A 419 -18.07 -5.15 -4.12
C GLN A 419 -19.12 -4.06 -3.90
N TRP A 420 -19.73 -3.67 -5.01
CA TRP A 420 -20.67 -2.55 -5.05
C TRP A 420 -22.09 -2.90 -4.64
N ASN A 421 -22.56 -4.07 -5.08
CA ASN A 421 -23.91 -4.50 -4.75
C ASN A 421 -24.04 -6.02 -4.85
N THR A 422 -25.29 -6.53 -4.88
CA THR A 422 -25.52 -7.96 -4.96
C THR A 422 -25.91 -8.41 -6.36
N GLU A 423 -25.72 -7.56 -7.36
CA GLU A 423 -25.96 -7.97 -8.74
C GLU A 423 -24.79 -8.80 -9.26
N LYS A 424 -24.89 -9.24 -10.52
CA LYS A 424 -23.85 -10.09 -11.10
C LYS A 424 -22.48 -9.45 -10.93
N ASN A 425 -21.50 -10.24 -10.48
CA ASN A 425 -20.14 -9.75 -10.21
C ASN A 425 -20.09 -8.61 -9.21
N ALA A 426 -21.07 -8.58 -8.29
CA ALA A 426 -21.19 -7.50 -7.31
C ALA A 426 -21.26 -6.11 -7.95
N GLY A 427 -21.71 -6.06 -9.20
CA GLY A 427 -21.88 -4.79 -9.89
C GLY A 427 -20.57 -4.20 -10.40
N PHE A 428 -19.48 -4.95 -10.28
CA PHE A 428 -18.18 -4.50 -10.78
C PHE A 428 -18.14 -4.53 -12.31
N SER A 429 -18.85 -5.47 -12.91
CA SER A 429 -18.76 -5.67 -14.36
C SER A 429 -19.97 -6.43 -14.89
N THR A 430 -20.33 -6.18 -16.14
CA THR A 430 -21.36 -6.96 -16.81
C THR A 430 -20.72 -8.20 -17.44
N GLY A 431 -19.40 -8.20 -17.54
CA GLY A 431 -18.68 -9.28 -18.18
C GLY A 431 -18.12 -10.30 -17.23
N ASN A 432 -17.05 -10.97 -17.67
CA ASN A 432 -16.36 -11.94 -16.87
C ASN A 432 -15.12 -11.31 -16.27
N PRO A 433 -15.13 -11.06 -14.95
CA PRO A 433 -14.03 -10.31 -14.33
C PRO A 433 -12.67 -10.98 -14.51
N TRP A 434 -11.66 -10.13 -14.70
CA TRP A 434 -10.29 -10.58 -14.91
C TRP A 434 -9.82 -11.41 -13.71
N MET A 435 -10.39 -11.10 -12.55
CA MET A 435 -10.16 -11.82 -11.30
C MET A 435 -11.54 -12.06 -10.70
N LYS A 436 -11.82 -13.29 -10.28
CA LYS A 436 -13.15 -13.61 -9.78
C LYS A 436 -13.53 -12.78 -8.55
N VAL A 437 -14.80 -12.44 -8.43
CA VAL A 437 -15.33 -11.78 -7.23
C VAL A 437 -15.32 -12.75 -6.06
N ASN A 438 -15.07 -12.24 -4.86
CA ASN A 438 -15.28 -13.02 -3.65
C ASN A 438 -16.76 -13.36 -3.49
N PRO A 439 -17.09 -14.65 -3.37
CA PRO A 439 -18.49 -15.08 -3.19
C PRO A 439 -19.23 -14.35 -2.07
N ASN A 440 -18.49 -13.82 -1.09
CA ASN A 440 -19.16 -13.18 0.03
C ASN A 440 -19.69 -11.78 -0.29
N TYR A 441 -19.63 -11.39 -1.56
CA TYR A 441 -20.23 -10.12 -1.98
C TYR A 441 -21.74 -10.12 -1.72
N VAL A 442 -22.35 -11.29 -1.64
CA VAL A 442 -23.77 -11.36 -1.31
C VAL A 442 -24.06 -10.80 0.09
N ASP A 443 -23.03 -10.79 0.93
CA ASP A 443 -23.13 -10.30 2.31
C ASP A 443 -22.41 -8.98 2.53
N ILE A 444 -21.37 -8.74 1.72
CA ILE A 444 -20.47 -7.62 1.92
C ILE A 444 -20.48 -6.74 0.69
N ASN A 445 -21.17 -5.61 0.74
CA ASN A 445 -21.20 -4.74 -0.44
C ASN A 445 -21.62 -3.33 -0.10
N VAL A 446 -21.25 -2.38 -0.96
CA VAL A 446 -21.49 -0.96 -0.71
C VAL A 446 -22.97 -0.66 -0.51
N GLU A 447 -23.81 -1.15 -1.40
CA GLU A 447 -25.24 -0.83 -1.34
C GLU A 447 -25.86 -1.19 0.01
N GLU A 448 -25.54 -2.39 0.50
CA GLU A 448 -26.07 -2.84 1.78
C GLU A 448 -25.56 -1.96 2.91
N GLN A 449 -24.29 -1.57 2.83
CA GLN A 449 -23.67 -0.86 3.94
C GLN A 449 -24.08 0.61 4.00
N LYS A 450 -24.47 1.18 2.87
CA LYS A 450 -24.90 2.57 2.85
C LYS A 450 -26.14 2.75 3.73
N SER A 451 -27.02 1.76 3.69
CA SER A 451 -28.33 1.89 4.32
C SER A 451 -28.32 1.46 5.79
N ASP A 452 -27.23 0.82 6.21
CA ASP A 452 -27.07 0.35 7.58
C ASP A 452 -26.20 1.31 8.37
N LYS A 453 -26.79 2.06 9.30
CA LYS A 453 -26.04 3.10 10.01
C LYS A 453 -24.91 2.51 10.86
N ASN A 454 -24.95 1.20 11.08
CA ASN A 454 -23.91 0.54 11.85
C ASN A 454 -22.95 -0.28 10.98
N SER A 455 -22.94 0.00 9.68
CA SER A 455 -22.03 -0.69 8.76
C SER A 455 -20.57 -0.27 8.93
N VAL A 456 -19.67 -1.08 8.41
CA VAL A 456 -18.25 -0.73 8.40
C VAL A 456 -18.06 0.56 7.61
N LEU A 457 -18.73 0.65 6.46
CA LEU A 457 -18.63 1.86 5.63
C LEU A 457 -19.02 3.11 6.41
N ASN A 458 -20.12 3.06 7.14
CA ASN A 458 -20.54 4.26 7.86
C ASN A 458 -19.66 4.54 9.07
N PHE A 459 -18.98 3.51 9.57
CA PHE A 459 -17.99 3.71 10.63
C PHE A 459 -16.81 4.50 10.08
N TYR A 460 -16.30 4.11 8.91
CA TYR A 460 -15.23 4.88 8.27
C TYR A 460 -15.69 6.31 7.98
N LYS A 461 -16.95 6.45 7.56
CA LYS A 461 -17.48 7.80 7.29
C LYS A 461 -17.42 8.64 8.57
N GLN A 462 -17.75 8.02 9.70
CA GLN A 462 -17.67 8.72 10.98
C GLN A 462 -16.24 9.02 11.41
N LEU A 463 -15.32 8.10 11.14
CA LEU A 463 -13.93 8.32 11.52
C LEU A 463 -13.38 9.55 10.79
N ILE A 464 -13.71 9.64 9.50
CA ILE A 464 -13.20 10.73 8.69
C ILE A 464 -13.75 12.05 9.25
N LYS A 465 -15.02 12.04 9.60
CA LYS A 465 -15.69 13.22 10.12
C LYS A 465 -15.09 13.70 11.44
N ILE A 466 -14.90 12.80 12.41
CA ILE A 466 -14.40 13.25 13.70
C ILE A 466 -12.94 13.71 13.62
N ARG A 467 -12.17 13.11 12.71
CA ARG A 467 -10.79 13.53 12.51
C ARG A 467 -10.77 14.94 11.93
N LYS A 468 -11.72 15.23 11.03
CA LYS A 468 -11.81 16.55 10.40
C LYS A 468 -12.33 17.61 11.37
N GLN A 469 -13.15 17.19 12.32
CA GLN A 469 -13.83 18.13 13.22
C GLN A 469 -13.06 18.44 14.50
N HIS A 470 -12.04 17.64 14.77
CA HIS A 470 -11.27 17.76 16.02
C HIS A 470 -9.79 17.76 15.72
N ASP A 471 -9.18 18.94 15.85
CA ASP A 471 -7.77 19.11 15.47
C ASP A 471 -6.83 18.19 16.26
N VAL A 472 -7.24 17.83 17.47
CA VAL A 472 -6.42 16.95 18.30
C VAL A 472 -6.19 15.60 17.61
N LEU A 473 -7.11 15.18 16.75
CA LEU A 473 -6.95 13.89 16.07
C LEU A 473 -6.03 13.99 14.85
N VAL A 474 -5.71 15.21 14.45
CA VAL A 474 -4.71 15.42 13.40
C VAL A 474 -3.35 15.74 13.99
N TYR A 475 -3.28 16.76 14.85
CA TYR A 475 -1.99 17.26 15.32
C TYR A 475 -1.60 16.85 16.74
N GLY A 476 -2.50 16.16 17.43
CA GLY A 476 -2.24 15.75 18.79
C GLY A 476 -1.09 14.76 18.94
N THR A 477 -0.36 14.89 20.04
CA THR A 477 0.74 14.01 20.36
C THR A 477 0.21 12.63 20.79
N TYR A 478 0.84 11.57 20.29
CA TYR A 478 0.51 10.18 20.62
C TYR A 478 1.21 9.71 21.88
N LYS A 479 0.48 8.97 22.70
CA LYS A 479 1.08 8.29 23.83
C LYS A 479 0.38 6.94 24.02
N LEU A 480 1.18 5.89 24.17
CA LEU A 480 0.65 4.55 24.39
C LEU A 480 0.20 4.35 25.84
N LEU A 481 -0.98 3.79 26.03
CA LEU A 481 -1.44 3.42 27.37
C LEU A 481 -1.45 1.91 27.51
N ALA A 482 -1.41 1.43 28.76
CA ALA A 482 -1.58 0.01 29.07
C ALA A 482 -0.73 -0.90 28.20
N GLU A 483 0.57 -0.63 28.14
CA GLU A 483 1.44 -1.35 27.23
C GLU A 483 1.38 -2.87 27.43
N GLU A 484 1.31 -3.31 28.68
CA GLU A 484 1.42 -4.75 28.96
C GLU A 484 0.12 -5.52 28.77
N ASP A 485 -0.98 -4.83 28.46
CA ASP A 485 -2.25 -5.53 28.25
C ASP A 485 -2.23 -6.24 26.89
N SER A 486 -2.29 -7.58 26.90
CA SER A 486 -2.16 -8.35 25.67
C SER A 486 -3.42 -8.32 24.81
N ALA A 487 -4.49 -7.72 25.32
CA ALA A 487 -5.73 -7.66 24.55
C ALA A 487 -6.11 -6.24 24.17
N ILE A 488 -5.81 -5.29 25.04
CA ILE A 488 -6.26 -3.92 24.77
C ILE A 488 -5.14 -3.06 24.20
N TYR A 489 -5.39 -2.50 23.01
CA TYR A 489 -4.53 -1.44 22.47
C TYR A 489 -5.20 -0.12 22.76
N ALA A 490 -4.63 0.66 23.67
CA ALA A 490 -5.20 1.96 24.01
C ALA A 490 -4.13 3.04 23.88
N TYR A 491 -4.53 4.22 23.44
CA TYR A 491 -3.59 5.34 23.33
C TYR A 491 -4.31 6.68 23.38
N THR A 492 -3.56 7.73 23.67
CA THR A 492 -4.12 9.06 23.68
C THR A 492 -3.53 9.96 22.60
N ARG A 493 -4.30 10.98 22.27
CA ARG A 493 -3.87 12.07 21.40
C ARG A 493 -4.09 13.35 22.18
N THR A 494 -3.04 14.14 22.36
CA THR A 494 -3.18 15.32 23.22
C THR A 494 -2.79 16.59 22.48
N LEU A 495 -3.64 17.61 22.57
CA LEU A 495 -3.40 18.89 21.93
C LEU A 495 -4.00 20.02 22.75
N GLU A 496 -3.15 20.79 23.40
CA GLU A 496 -3.58 21.84 24.32
C GLU A 496 -4.50 21.28 25.39
N GLY A 497 -5.74 21.76 25.41
CA GLY A 497 -6.69 21.40 26.44
C GLY A 497 -7.60 20.24 26.05
N LYS A 498 -7.25 19.55 24.98
CA LYS A 498 -8.05 18.40 24.55
C LYS A 498 -7.23 17.13 24.54
N THR A 499 -7.83 16.05 25.03
CA THR A 499 -7.20 14.73 24.96
C THR A 499 -8.21 13.74 24.40
N ALA A 500 -7.85 13.06 23.32
CA ALA A 500 -8.67 11.95 22.84
C ALA A 500 -8.11 10.65 23.38
N VAL A 501 -9.01 9.79 23.86
CA VAL A 501 -8.62 8.47 24.35
C VAL A 501 -9.20 7.42 23.40
N VAL A 502 -8.31 6.69 22.74
CA VAL A 502 -8.71 5.64 21.81
C VAL A 502 -8.52 4.29 22.47
N ILE A 503 -9.61 3.52 22.60
CA ILE A 503 -9.56 2.24 23.26
C ILE A 503 -10.00 1.16 22.28
N CYS A 504 -9.12 0.19 22.04
CA CYS A 504 -9.43 -0.90 21.12
C CYS A 504 -9.21 -2.25 21.76
N ASN A 505 -10.28 -3.01 21.94
CA ASN A 505 -10.13 -4.38 22.40
C ASN A 505 -9.79 -5.27 21.24
N MET A 506 -8.50 -5.40 20.99
CA MET A 506 -7.98 -6.22 19.91
C MET A 506 -7.90 -7.69 20.32
N SER A 507 -9.07 -8.28 20.58
CA SER A 507 -9.18 -9.68 20.94
C SER A 507 -10.61 -10.14 20.65
N PRO A 508 -10.79 -11.45 20.39
CA PRO A 508 -12.13 -11.97 20.08
C PRO A 508 -12.92 -12.31 21.32
N ASN A 509 -12.61 -11.66 22.42
CA ASN A 509 -13.27 -11.94 23.70
C ASN A 509 -13.67 -10.70 24.44
N ASN A 510 -14.66 -10.85 25.31
CA ASN A 510 -14.96 -9.81 26.28
C ASN A 510 -13.72 -9.55 27.14
N GLN A 511 -13.49 -8.29 27.49
CA GLN A 511 -12.38 -7.93 28.37
C GLN A 511 -12.79 -6.80 29.31
N THR A 512 -12.16 -6.75 30.48
CA THR A 512 -12.33 -5.64 31.39
C THR A 512 -11.12 -4.72 31.23
N PHE A 513 -11.34 -3.42 31.40
CA PHE A 513 -10.26 -2.45 31.24
C PHE A 513 -10.55 -1.26 32.13
N GLU A 514 -9.59 -0.83 32.93
CA GLU A 514 -9.80 0.37 33.73
C GLU A 514 -9.59 1.59 32.85
N PHE A 515 -10.55 2.51 32.87
CA PHE A 515 -10.40 3.74 32.11
C PHE A 515 -9.14 4.44 32.57
N PRO A 516 -8.21 4.69 31.65
CA PRO A 516 -6.96 5.38 31.99
C PRO A 516 -7.21 6.88 32.11
N SER A 517 -7.66 7.29 33.28
CA SER A 517 -7.97 8.68 33.58
C SER A 517 -6.84 9.63 33.19
N SER A 520 -9.67 14.32 36.11
CA SER A 520 -8.82 15.35 35.52
C SER A 520 -9.39 15.88 34.22
N PHE A 521 -10.72 15.78 34.06
CA PHE A 521 -11.39 16.42 32.94
C PHE A 521 -12.66 17.15 33.37
N THR A 522 -12.93 18.27 32.71
CA THR A 522 -14.14 19.04 32.98
C THR A 522 -15.30 18.59 32.10
N ASN A 523 -14.98 17.88 31.03
CA ASN A 523 -16.01 17.36 30.13
C ASN A 523 -15.54 16.07 29.47
N ILE A 524 -16.46 15.14 29.27
CA ILE A 524 -16.15 13.93 28.49
C ILE A 524 -17.24 13.67 27.46
N GLU A 525 -16.84 13.24 26.27
CA GLU A 525 -17.77 12.99 25.18
C GLU A 525 -17.33 11.74 24.43
N VAL A 526 -18.27 10.87 24.08
CA VAL A 526 -17.97 9.72 23.23
C VAL A 526 -18.06 10.12 21.76
N LEU A 527 -16.94 10.06 21.04
CA LEU A 527 -16.91 10.51 19.65
C LEU A 527 -17.36 9.42 18.68
N ILE A 528 -17.02 8.17 19.01
CA ILE A 528 -17.39 7.05 18.16
C ILE A 528 -17.32 5.76 18.97
N HIS A 529 -18.15 4.78 18.59
CA HIS A 529 -18.21 3.50 19.29
C HIS A 529 -18.85 2.46 18.36
N ASN A 530 -18.32 1.23 18.33
CA ASN A 530 -18.90 0.25 17.42
C ASN A 530 -19.88 -0.73 18.08
N TYR A 531 -20.07 -0.63 19.39
CA TYR A 531 -21.15 -1.33 20.09
C TYR A 531 -22.10 -0.34 20.75
N PRO A 532 -23.36 -0.73 20.89
CA PRO A 532 -24.31 0.08 21.68
C PRO A 532 -23.77 0.32 23.08
N LEU A 533 -24.01 1.49 23.66
CA LEU A 533 -23.49 1.76 24.98
C LEU A 533 -24.39 1.09 26.03
N ASP A 534 -23.78 0.54 27.09
CA ASP A 534 -24.53 -0.17 28.13
C ASP A 534 -24.90 0.80 29.25
N LYS A 535 -26.21 0.86 29.53
CA LYS A 535 -26.79 1.81 30.48
C LYS A 535 -26.10 1.86 31.84
N ASN A 536 -25.88 0.69 32.42
CA ASN A 536 -25.38 0.59 33.77
C ASN A 536 -23.86 0.53 33.86
N GLU A 537 -23.19 0.59 32.71
CA GLU A 537 -21.74 0.50 32.72
C GLU A 537 -21.14 1.79 33.22
N THR A 538 -20.22 1.70 34.18
CA THR A 538 -19.53 2.86 34.71
C THR A 538 -18.34 3.20 33.82
N LEU A 539 -17.96 4.48 33.78
CA LEU A 539 -16.85 4.90 32.96
C LEU A 539 -15.54 4.21 33.36
N GLU A 540 -15.31 4.12 34.67
CA GLU A 540 -14.06 3.62 35.21
C GLU A 540 -13.81 2.13 34.92
N GLN A 541 -14.87 1.35 34.92
CA GLN A 541 -14.76 -0.08 34.68
C GLN A 541 -15.34 -0.44 33.32
N CYS A 542 -14.49 -0.39 32.29
CA CYS A 542 -14.92 -0.75 30.95
C CYS A 542 -15.17 -2.25 30.91
N THR A 543 -16.32 -2.62 30.39
CA THR A 543 -16.58 -4.01 30.04
C THR A 543 -16.75 -4.04 28.53
N LEU A 544 -15.67 -4.39 27.84
CA LEU A 544 -15.62 -4.28 26.39
C LEU A 544 -15.95 -5.61 25.72
N HIS A 545 -16.80 -5.55 24.71
CA HIS A 545 -17.12 -6.71 23.90
C HIS A 545 -16.00 -7.05 22.92
N PRO A 546 -16.04 -8.25 22.31
CA PRO A 546 -14.99 -8.62 21.34
C PRO A 546 -14.81 -7.54 20.27
N TYR A 547 -13.59 -7.05 20.12
CA TYR A 547 -13.25 -6.02 19.14
C TYR A 547 -14.09 -4.75 19.31
N GLU A 548 -14.48 -4.46 20.55
CA GLU A 548 -15.12 -3.19 20.83
C GLU A 548 -14.08 -2.08 20.80
N THR A 549 -14.43 -0.97 20.17
CA THR A 549 -13.62 0.22 20.23
C THR A 549 -14.47 1.42 20.66
N ARG A 550 -13.85 2.34 21.39
CA ARG A 550 -14.49 3.57 21.80
C ARG A 550 -13.47 4.68 21.66
N VAL A 551 -13.93 5.86 21.26
CA VAL A 551 -13.07 7.04 21.34
C VAL A 551 -13.75 8.10 22.21
N TYR A 552 -13.07 8.50 23.27
CA TYR A 552 -13.55 9.53 24.18
C TYR A 552 -12.80 10.84 23.94
N LEU A 553 -13.50 11.97 24.01
CA LEU A 553 -12.83 13.26 23.95
C LEU A 553 -12.93 13.95 25.32
N ILE A 554 -11.76 14.24 25.89
CA ILE A 554 -11.65 14.79 27.24
C ILE A 554 -11.27 16.27 27.16
N SER A 555 -11.97 17.13 27.91
CA SER A 555 -11.56 18.52 28.01
C SER A 555 -10.74 18.72 29.29
#